data_4LAH
#
_entry.id   4LAH
#
_cell.length_a   79.183
_cell.length_b   79.183
_cell.length_c   107.341
_cell.angle_alpha   90.00
_cell.angle_beta   90.00
_cell.angle_gamma   120.00
#
_symmetry.space_group_name_H-M   'P 61 2 2'
#
loop_
_entity.id
_entity.type
_entity.pdbx_description
1 polymer 'Dihydrofolate reductase'
2 non-polymer 7-[5,6-dimethyl-2-(1,3-thiazol-4-yl)-1H-benzimidazol-1-yl]quinazoline-2,4-diamine
3 non-polymer 'NADP NICOTINAMIDE-ADENINE-DINUCLEOTIDE PHOSPHATE'
4 water water
#
_entity_poly.entity_id   1
_entity_poly.type   'polypeptide(L)'
_entity_poly.pdbx_seq_one_letter_code
;MTLSILVAHDLQRVIGFENQLPWHLPNDLKHVKKLSTGHTLVMGRKTFESIGKPLPNRRNVVLTSDTSFNVEGVDVIHSI
EDIYQLPGHVFIFGGQTLFEEMIDKVDDMYITVIEGKFRGDTFFPPYTFEDWEVASSVEGKLDEKNTIPHTFLHLIRKKL
EHHHHHH
;
_entity_poly.pdbx_strand_id   X
#
loop_
_chem_comp.id
_chem_comp.type
_chem_comp.name
_chem_comp.formula
1VO non-polymer 7-[5,6-dimethyl-2-(1,3-thiazol-4-yl)-1H-benzimidazol-1-yl]quinazoline-2,4-diamine 'C20 H17 N7 S'
NAP non-polymer 'NADP NICOTINAMIDE-ADENINE-DINUCLEOTIDE PHOSPHATE' 'C21 H28 N7 O17 P3'
#
# COMPACT_ATOMS: atom_id res chain seq x y z
N THR A 2 3.48 -1.53 15.36
CA THR A 2 2.25 -1.37 14.52
C THR A 2 2.44 -1.99 13.14
N LEU A 3 1.45 -2.75 12.72
CA LEU A 3 1.40 -3.31 11.38
C LEU A 3 0.21 -2.66 10.67
N SER A 4 0.50 -1.94 9.60
CA SER A 4 -0.52 -1.19 8.83
C SER A 4 -0.55 -1.57 7.36
N ILE A 5 -1.71 -1.39 6.73
CA ILE A 5 -1.81 -1.42 5.28
C ILE A 5 -1.78 0.01 4.74
N LEU A 6 -1.06 0.20 3.64
CA LEU A 6 -1.10 1.42 2.84
C LEU A 6 -1.68 0.99 1.49
N VAL A 7 -2.71 1.68 1.03
CA VAL A 7 -3.32 1.33 -0.27
C VAL A 7 -4.09 2.49 -0.93
N ALA A 8 -3.99 2.58 -2.25
CA ALA A 8 -4.86 3.44 -3.03
C ALA A 8 -5.78 2.54 -3.85
N HIS A 9 -7.08 2.65 -3.62
CA HIS A 9 -8.04 1.89 -4.43
C HIS A 9 -9.20 2.75 -4.88
N ASP A 10 -9.77 2.42 -6.04
CA ASP A 10 -10.87 3.20 -6.62
C ASP A 10 -12.25 2.76 -6.07
N LEU A 11 -13.33 3.29 -6.64
CA LEU A 11 -14.69 3.01 -6.16
C LEU A 11 -15.06 1.53 -6.21
N GLN A 12 -14.37 0.77 -7.04
CA GLN A 12 -14.65 -0.67 -7.17
C GLN A 12 -13.47 -1.52 -6.65
N ARG A 13 -12.60 -0.87 -5.89
CA ARG A 13 -11.42 -1.50 -5.28
C ARG A 13 -10.31 -1.92 -6.24
N VAL A 14 -10.31 -1.37 -7.46
CA VAL A 14 -9.18 -1.51 -8.38
C VAL A 14 -7.95 -0.88 -7.72
N ILE A 15 -6.83 -1.59 -7.78
CA ILE A 15 -5.55 -1.06 -7.28
C ILE A 15 -4.50 -0.94 -8.38
N GLY A 16 -4.69 -1.66 -9.48
CA GLY A 16 -3.65 -1.75 -10.50
C GLY A 16 -4.13 -2.15 -11.87
N PHE A 17 -3.33 -1.80 -12.89
CA PHE A 17 -3.52 -2.28 -14.25
C PHE A 17 -2.17 -2.44 -14.92
N GLU A 18 -1.91 -3.63 -15.44
CA GLU A 18 -0.67 -3.98 -16.13
C GLU A 18 0.57 -3.58 -15.32
N ASN A 19 0.54 -3.94 -14.04
CA ASN A 19 1.65 -3.73 -13.11
C ASN A 19 2.00 -2.27 -12.84
N GLN A 20 1.04 -1.38 -13.09
CA GLN A 20 1.17 0.03 -12.73
C GLN A 20 -0.12 0.55 -12.08
N LEU A 21 -0.04 1.73 -11.48
CA LEU A 21 -1.23 2.43 -10.98
C LEU A 21 -2.07 2.90 -12.18
N PRO A 22 -3.41 2.70 -12.13
CA PRO A 22 -4.28 3.16 -13.22
C PRO A 22 -4.47 4.68 -13.30
N TRP A 23 -4.05 5.39 -12.25
CA TRP A 23 -4.24 6.85 -12.14
C TRP A 23 -2.91 7.55 -11.95
N HIS A 24 -2.87 8.83 -12.31
CA HIS A 24 -1.76 9.72 -12.00
C HIS A 24 -2.22 10.67 -10.89
N LEU A 25 -1.71 10.44 -9.67
CA LEU A 25 -2.10 11.29 -8.54
C LEU A 25 -0.91 11.60 -7.63
N PRO A 26 -0.15 12.68 -7.96
CA PRO A 26 1.02 13.08 -7.17
C PRO A 26 0.77 13.12 -5.66
N ASN A 27 -0.38 13.68 -5.26
CA ASN A 27 -0.74 13.78 -3.83
C ASN A 27 -0.79 12.44 -3.09
N ASP A 28 -1.20 11.36 -3.77
CA ASP A 28 -1.17 10.05 -3.15
C ASP A 28 0.26 9.61 -2.82
N LEU A 29 1.17 9.85 -3.76
CA LEU A 29 2.57 9.50 -3.57
C LEU A 29 3.22 10.32 -2.44
N LYS A 30 2.85 11.61 -2.34
CA LYS A 30 3.30 12.46 -1.23
C LYS A 30 2.75 11.97 0.12
N HIS A 31 1.49 11.54 0.11
CA HIS A 31 0.80 10.98 1.28
C HIS A 31 1.56 9.76 1.80
N VAL A 32 1.85 8.84 0.87
CA VAL A 32 2.61 7.61 1.14
C VAL A 32 4.02 7.91 1.66
N LYS A 33 4.68 8.89 1.03
CA LYS A 33 6.03 9.30 1.40
C LYS A 33 6.05 9.81 2.84
N LYS A 34 5.10 10.71 3.16
CA LYS A 34 4.98 11.29 4.49
C LYS A 34 4.74 10.22 5.56
N LEU A 35 3.75 9.37 5.34
CA LEU A 35 3.39 8.31 6.29
C LEU A 35 4.50 7.30 6.62
N SER A 36 5.30 6.95 5.61
CA SER A 36 6.26 5.85 5.76
C SER A 36 7.72 6.28 5.96
N THR A 37 8.01 7.57 5.88
CA THR A 37 9.38 8.08 6.07
C THR A 37 9.91 7.66 7.44
N GLY A 38 11.07 7.00 7.42
CA GLY A 38 11.71 6.51 8.64
C GLY A 38 11.12 5.21 9.16
N HIS A 39 10.24 4.60 8.38
CA HIS A 39 9.58 3.36 8.78
C HIS A 39 9.88 2.22 7.79
N THR A 40 9.09 1.15 7.82
CA THR A 40 9.35 -0.02 6.99
C THR A 40 8.22 -0.30 6.02
N LEU A 41 8.59 -0.55 4.77
CA LEU A 41 7.65 -0.99 3.74
C LEU A 41 7.91 -2.45 3.40
N VAL A 42 6.84 -3.24 3.38
CA VAL A 42 6.88 -4.62 2.91
C VAL A 42 6.06 -4.73 1.64
N MET A 43 6.67 -5.22 0.56
CA MET A 43 5.99 -5.34 -0.73
C MET A 43 6.29 -6.67 -1.44
N GLY A 44 5.37 -7.08 -2.32
CA GLY A 44 5.59 -8.23 -3.19
C GLY A 44 6.62 -7.93 -4.25
N ARG A 45 7.16 -8.99 -4.85
CA ARG A 45 8.18 -8.88 -5.88
C ARG A 45 7.71 -8.03 -7.07
N LYS A 46 6.44 -8.22 -7.47
CA LYS A 46 5.89 -7.54 -8.64
C LYS A 46 5.83 -6.03 -8.39
N THR A 47 5.28 -5.66 -7.24
CA THR A 47 5.23 -4.25 -6.83
C THR A 47 6.62 -3.61 -6.82
N PHE A 48 7.63 -4.30 -6.29
CA PHE A 48 8.99 -3.77 -6.31
C PHE A 48 9.53 -3.53 -7.72
N GLU A 49 9.33 -4.51 -8.62
CA GLU A 49 9.77 -4.37 -10.00
C GLU A 49 9.02 -3.25 -10.73
N SER A 50 7.78 -3.01 -10.33
CA SER A 50 6.97 -1.90 -10.84
C SER A 50 7.57 -0.54 -10.48
N ILE A 51 7.89 -0.38 -9.20
CA ILE A 51 8.56 0.83 -8.71
C ILE A 51 9.99 0.92 -9.26
N GLY A 52 10.66 -0.23 -9.35
CA GLY A 52 11.96 -0.32 -10.04
C GLY A 52 13.19 -0.12 -9.17
N LYS A 53 13.01 0.53 -8.02
CA LYS A 53 14.09 0.80 -7.07
C LYS A 53 13.51 0.96 -5.65
N PRO A 54 14.34 0.74 -4.60
CA PRO A 54 13.84 0.98 -3.25
C PRO A 54 13.52 2.45 -3.03
N LEU A 55 12.52 2.74 -2.19
CA LEU A 55 12.21 4.11 -1.83
C LEU A 55 13.20 4.60 -0.75
N PRO A 56 13.79 5.78 -0.97
CA PRO A 56 14.80 6.33 -0.04
C PRO A 56 14.23 6.71 1.33
N ASN A 57 15.11 6.68 2.34
CA ASN A 57 14.80 7.13 3.71
C ASN A 57 13.72 6.30 4.43
N ARG A 58 13.71 5.01 4.10
CA ARG A 58 12.87 4.02 4.79
C ARG A 58 13.43 2.63 4.47
N ARG A 59 13.12 1.66 5.31
CA ARG A 59 13.51 0.28 5.04
C ARG A 59 12.58 -0.34 3.99
N ASN A 60 13.18 -0.85 2.91
CA ASN A 60 12.44 -1.54 1.86
C ASN A 60 12.62 -3.05 1.98
N VAL A 61 11.52 -3.75 2.27
CA VAL A 61 11.54 -5.20 2.39
C VAL A 61 10.71 -5.82 1.27
N VAL A 62 11.30 -6.76 0.54
CA VAL A 62 10.59 -7.41 -0.57
C VAL A 62 10.36 -8.89 -0.25
N LEU A 63 9.10 -9.29 -0.30
CA LEU A 63 8.70 -10.68 -0.16
C LEU A 63 8.70 -11.37 -1.53
N THR A 64 9.51 -12.42 -1.65
CA THR A 64 9.62 -13.21 -2.88
C THR A 64 10.08 -14.63 -2.57
N SER A 65 9.73 -15.57 -3.44
CA SER A 65 10.23 -16.95 -3.32
C SER A 65 11.60 -17.08 -3.99
N ASP A 66 12.00 -16.05 -4.74
CA ASP A 66 13.27 -16.04 -5.47
C ASP A 66 14.47 -15.98 -4.53
N THR A 67 15.16 -17.11 -4.40
CA THR A 67 16.34 -17.23 -3.52
C THR A 67 17.59 -16.57 -4.09
N SER A 68 17.53 -16.19 -5.37
CA SER A 68 18.57 -15.41 -6.01
C SER A 68 18.37 -13.90 -5.83
N PHE A 69 17.27 -13.51 -5.20
CA PHE A 69 16.98 -12.10 -4.96
C PHE A 69 17.91 -11.55 -3.88
N ASN A 70 18.75 -10.61 -4.29
CA ASN A 70 19.65 -9.91 -3.39
C ASN A 70 19.96 -8.56 -4.04
N VAL A 71 19.11 -7.57 -3.72
CA VAL A 71 19.17 -6.28 -4.39
C VAL A 71 19.68 -5.18 -3.43
N GLU A 72 20.59 -4.36 -3.94
CA GLU A 72 21.18 -3.23 -3.22
C GLU A 72 20.13 -2.27 -2.64
N GLY A 73 20.15 -2.13 -1.32
CA GLY A 73 19.23 -1.23 -0.61
C GLY A 73 17.89 -1.86 -0.32
N VAL A 74 17.81 -3.17 -0.51
CA VAL A 74 16.57 -3.92 -0.29
C VAL A 74 16.84 -5.11 0.64
N ASP A 75 15.98 -5.27 1.63
CA ASP A 75 16.01 -6.46 2.47
C ASP A 75 15.04 -7.49 1.89
N VAL A 76 15.41 -8.76 1.95
CA VAL A 76 14.56 -9.79 1.37
C VAL A 76 14.00 -10.73 2.43
N ILE A 77 12.71 -11.05 2.28
CA ILE A 77 12.07 -12.08 3.11
C ILE A 77 11.41 -13.09 2.18
N HIS A 78 11.21 -14.31 2.67
CA HIS A 78 10.69 -15.39 1.83
C HIS A 78 9.40 -16.02 2.37
N SER A 79 8.91 -15.50 3.48
CA SER A 79 7.71 -16.00 4.15
C SER A 79 6.91 -14.86 4.75
N ILE A 80 5.59 -15.05 4.85
CA ILE A 80 4.70 -14.09 5.52
C ILE A 80 5.09 -13.94 7.00
N GLU A 81 5.50 -15.05 7.62
CA GLU A 81 5.90 -15.07 9.03
C GLU A 81 7.04 -14.09 9.34
N ASP A 82 7.95 -13.91 8.38
CA ASP A 82 9.09 -13.00 8.53
C ASP A 82 8.69 -11.55 8.81
N ILE A 83 7.51 -11.16 8.34
CA ILE A 83 6.97 -9.81 8.54
C ILE A 83 6.85 -9.45 10.02
N TYR A 84 6.37 -10.40 10.82
CA TYR A 84 6.13 -10.19 12.25
C TYR A 84 7.41 -10.01 13.07
N GLN A 85 8.56 -10.29 12.46
CA GLN A 85 9.86 -10.14 13.12
C GLN A 85 10.56 -8.83 12.75
N LEU A 86 9.91 -8.02 11.92
CA LEU A 86 10.44 -6.72 11.53
C LEU A 86 10.07 -5.67 12.58
N PRO A 87 11.07 -4.98 13.16
CA PRO A 87 10.79 -3.98 14.20
C PRO A 87 10.15 -2.71 13.66
N GLY A 88 9.59 -1.91 14.58
CA GLY A 88 9.05 -0.59 14.26
C GLY A 88 7.68 -0.61 13.60
N HIS A 89 7.32 0.51 12.99
CA HIS A 89 6.07 0.61 12.25
C HIS A 89 6.23 -0.01 10.85
N VAL A 90 5.53 -1.12 10.64
CA VAL A 90 5.59 -1.85 9.37
C VAL A 90 4.36 -1.55 8.52
N PHE A 91 4.61 -1.17 7.27
CA PHE A 91 3.55 -0.86 6.31
C PHE A 91 3.50 -1.88 5.18
N ILE A 92 2.37 -2.57 5.05
CA ILE A 92 2.12 -3.44 3.90
C ILE A 92 1.84 -2.55 2.68
N PHE A 93 2.70 -2.67 1.67
CA PHE A 93 2.81 -1.69 0.60
C PHE A 93 2.20 -2.22 -0.72
N GLY A 94 1.73 -3.47 -0.70
CA GLY A 94 1.18 -4.11 -1.90
C GLY A 94 1.98 -5.31 -2.38
N GLY A 95 1.53 -5.95 -3.45
CA GLY A 95 0.31 -5.58 -4.18
C GLY A 95 -0.88 -6.43 -3.78
N GLN A 96 -1.68 -6.82 -4.76
CA GLN A 96 -2.90 -7.59 -4.50
C GLN A 96 -2.68 -8.80 -3.60
N THR A 97 -1.66 -9.60 -3.93
CA THR A 97 -1.35 -10.82 -3.20
C THR A 97 -1.03 -10.52 -1.72
N LEU A 98 -0.21 -9.50 -1.49
CA LEU A 98 0.12 -9.08 -0.12
C LEU A 98 -1.07 -8.57 0.68
N PHE A 99 -1.92 -7.77 0.04
CA PHE A 99 -3.11 -7.23 0.68
C PHE A 99 -4.06 -8.35 1.10
N GLU A 100 -4.25 -9.31 0.21
CA GLU A 100 -5.09 -10.48 0.46
C GLU A 100 -4.57 -11.31 1.62
N GLU A 101 -3.24 -11.48 1.67
CA GLU A 101 -2.59 -12.23 2.74
C GLU A 101 -2.58 -11.51 4.09
N MET A 102 -2.68 -10.18 4.08
CA MET A 102 -2.47 -9.40 5.31
C MET A 102 -3.66 -8.60 5.86
N ILE A 103 -4.74 -8.47 5.08
CA ILE A 103 -5.90 -7.65 5.51
C ILE A 103 -6.51 -8.11 6.85
N ASP A 104 -6.51 -9.43 7.10
CA ASP A 104 -7.01 -9.97 8.37
C ASP A 104 -5.99 -9.88 9.52
N LYS A 105 -4.78 -9.41 9.24
CA LYS A 105 -3.70 -9.41 10.23
C LYS A 105 -3.31 -8.02 10.72
N VAL A 106 -3.52 -7.00 9.89
CA VAL A 106 -3.06 -5.64 10.20
C VAL A 106 -3.90 -4.96 11.28
N ASP A 107 -3.28 -4.01 11.99
CA ASP A 107 -3.94 -3.23 13.03
C ASP A 107 -4.87 -2.19 12.43
N ASP A 108 -4.41 -1.56 11.35
CA ASP A 108 -5.12 -0.45 10.73
C ASP A 108 -4.75 -0.31 9.25
N MET A 109 -5.49 0.53 8.54
CA MET A 109 -5.26 0.75 7.11
C MET A 109 -5.32 2.25 6.80
N TYR A 110 -4.34 2.72 6.04
CA TYR A 110 -4.36 4.05 5.47
C TYR A 110 -4.74 3.93 4.01
N ILE A 111 -5.98 4.30 3.71
CA ILE A 111 -6.52 4.12 2.38
C ILE A 111 -6.65 5.47 1.70
N THR A 112 -6.19 5.56 0.47
CA THR A 112 -6.58 6.63 -0.43
C THR A 112 -7.68 6.08 -1.33
N VAL A 113 -8.91 6.53 -1.09
CA VAL A 113 -10.03 6.16 -1.96
C VAL A 113 -10.00 7.07 -3.19
N ILE A 114 -9.72 6.48 -4.35
CA ILE A 114 -9.77 7.19 -5.62
C ILE A 114 -11.22 7.18 -6.06
N GLU A 115 -11.86 8.34 -6.02
CA GLU A 115 -13.30 8.46 -6.26
C GLU A 115 -13.62 8.42 -7.77
N GLY A 116 -13.20 7.35 -8.41
CA GLY A 116 -13.42 7.14 -9.84
C GLY A 116 -13.54 5.66 -10.17
N LYS A 117 -13.84 5.35 -11.43
CA LYS A 117 -13.91 3.98 -11.90
C LYS A 117 -12.92 3.74 -13.04
N PHE A 118 -11.84 3.02 -12.71
CA PHE A 118 -10.74 2.75 -13.66
C PHE A 118 -10.76 1.29 -14.12
N ARG A 119 -10.17 1.04 -15.29
CA ARG A 119 -9.90 -0.33 -15.72
C ARG A 119 -8.78 -0.89 -14.84
N GLY A 120 -9.04 -2.04 -14.23
CA GLY A 120 -8.02 -2.72 -13.41
C GLY A 120 -7.90 -4.19 -13.74
N ASP A 121 -6.76 -4.78 -13.38
CA ASP A 121 -6.61 -6.24 -13.43
C ASP A 121 -6.21 -6.79 -12.05
N THR A 122 -6.10 -5.91 -11.07
CA THR A 122 -5.81 -6.28 -9.67
C THR A 122 -6.61 -5.42 -8.71
N PHE A 123 -6.91 -5.99 -7.54
CA PHE A 123 -7.93 -5.45 -6.63
C PHE A 123 -7.54 -5.58 -5.17
N PHE A 124 -8.01 -4.62 -4.36
CA PHE A 124 -7.98 -4.75 -2.90
C PHE A 124 -9.17 -5.63 -2.47
N PRO A 125 -8.96 -6.53 -1.49
CA PRO A 125 -10.07 -7.40 -1.09
C PRO A 125 -11.23 -6.61 -0.45
N PRO A 126 -12.47 -7.11 -0.59
CA PRO A 126 -13.61 -6.46 0.06
C PRO A 126 -13.40 -6.33 1.57
N TYR A 127 -13.95 -5.28 2.15
CA TYR A 127 -13.92 -5.05 3.60
C TYR A 127 -15.17 -4.26 3.97
N THR A 128 -15.60 -4.39 5.22
CA THR A 128 -16.81 -3.70 5.70
C THR A 128 -16.50 -2.79 6.88
N PHE A 129 -17.20 -1.65 6.94
CA PHE A 129 -17.03 -0.69 8.03
C PHE A 129 -17.60 -1.19 9.36
N GLU A 130 -18.24 -2.36 9.33
CA GLU A 130 -18.63 -3.07 10.55
C GLU A 130 -17.41 -3.56 11.32
N ASP A 131 -16.31 -3.78 10.61
CA ASP A 131 -15.06 -4.27 11.20
C ASP A 131 -14.06 -3.15 11.49
N TRP A 132 -14.28 -1.98 10.90
CA TRP A 132 -13.29 -0.90 10.90
C TRP A 132 -13.87 0.45 11.33
N GLU A 133 -13.28 1.03 12.37
CA GLU A 133 -13.64 2.38 12.80
C GLU A 133 -12.93 3.40 11.92
N VAL A 134 -13.68 4.44 11.52
CA VAL A 134 -13.10 5.55 10.77
C VAL A 134 -12.38 6.53 11.72
N ALA A 135 -11.07 6.35 11.86
CA ALA A 135 -10.26 7.23 12.72
C ALA A 135 -10.18 8.66 12.17
N SER A 136 -10.14 8.76 10.84
CA SER A 136 -10.17 10.04 10.14
C SER A 136 -10.57 9.85 8.67
N SER A 137 -11.21 10.87 8.12
CA SER A 137 -11.58 10.91 6.71
C SER A 137 -11.32 12.33 6.24
N VAL A 138 -10.44 12.47 5.25
CA VAL A 138 -9.95 13.77 4.78
C VAL A 138 -10.01 13.80 3.27
N GLU A 139 -10.79 14.75 2.76
CA GLU A 139 -10.93 14.98 1.34
C GLU A 139 -9.63 15.58 0.77
N GLY A 140 -9.07 14.90 -0.22
CA GLY A 140 -7.87 15.42 -0.91
C GLY A 140 -8.20 16.69 -1.65
N LYS A 141 -7.24 17.61 -1.72
CA LYS A 141 -7.44 18.86 -2.43
C LYS A 141 -7.13 18.69 -3.91
N LEU A 142 -7.97 19.28 -4.75
CA LEU A 142 -7.80 19.15 -6.19
C LEU A 142 -7.14 20.38 -6.77
N ASP A 143 -6.22 20.15 -7.72
CA ASP A 143 -5.55 21.22 -8.45
C ASP A 143 -5.18 20.74 -9.85
N GLU A 144 -4.33 21.50 -10.53
CA GLU A 144 -3.89 21.16 -11.89
C GLU A 144 -3.20 19.79 -11.95
N LYS A 145 -2.33 19.52 -10.98
CA LYS A 145 -1.59 18.25 -10.93
C LYS A 145 -2.40 17.08 -10.36
N ASN A 146 -3.46 17.39 -9.61
CA ASN A 146 -4.28 16.37 -8.95
C ASN A 146 -5.76 16.58 -9.27
N THR A 147 -6.23 15.90 -10.30
CA THR A 147 -7.54 16.21 -10.91
C THR A 147 -8.63 15.18 -10.59
N ILE A 148 -8.24 14.07 -9.97
CA ILE A 148 -9.18 13.03 -9.57
C ILE A 148 -9.55 13.21 -8.09
N PRO A 149 -10.86 13.31 -7.78
CA PRO A 149 -11.25 13.41 -6.37
C PRO A 149 -10.78 12.18 -5.61
N HIS A 150 -10.31 12.40 -4.39
CA HIS A 150 -9.77 11.35 -3.56
C HIS A 150 -9.95 11.67 -2.08
N THR A 151 -10.09 10.62 -1.28
CA THR A 151 -10.29 10.76 0.16
C THR A 151 -9.28 9.88 0.90
N PHE A 152 -8.59 10.48 1.87
CA PHE A 152 -7.67 9.74 2.74
C PHE A 152 -8.42 9.26 3.97
N LEU A 153 -8.48 7.93 4.08
CA LEU A 153 -9.14 7.25 5.18
C LEU A 153 -8.10 6.61 6.06
N HIS A 154 -8.25 6.78 7.38
CA HIS A 154 -7.53 5.96 8.33
C HIS A 154 -8.54 5.09 9.07
N LEU A 155 -8.44 3.78 8.87
CA LEU A 155 -9.34 2.81 9.48
C LEU A 155 -8.60 1.96 10.50
N ILE A 156 -9.23 1.77 11.66
CA ILE A 156 -8.66 0.95 12.73
C ILE A 156 -9.60 -0.24 12.99
N ARG A 157 -9.02 -1.44 13.09
CA ARG A 157 -9.81 -2.65 13.36
C ARG A 157 -10.53 -2.53 14.70
N LYS A 158 -11.84 -2.73 14.67
CA LYS A 158 -12.65 -2.67 15.89
C LYS A 158 -12.28 -3.84 16.81
N12 1VO B . -1.69 4.75 -1.39
C3 1VO B . -0.69 3.93 -1.80
N2 1VO B . -0.52 2.73 -1.18
N4 1VO B . 0.13 4.36 -2.81
C5 1VO B . 1.16 3.59 -3.24
C10 1VO B . 2.01 4.02 -4.27
C9 1VO B . 3.07 3.23 -4.74
C8 1VO B . 3.26 1.99 -4.11
C7 1VO B . 2.45 1.50 -3.09
C6 1VO B . 1.40 2.29 -2.63
C1 1VO B . 0.47 1.88 -1.54
N11 1VO B . 0.61 0.69 -0.92
N13 1VO B . 3.91 3.68 -5.70
C17 1VO B . 4.11 3.25 -6.94
C22 1VO B . 3.46 2.08 -7.62
N26 1VO B . 2.41 1.41 -7.04
C25 1VO B . 1.98 0.36 -7.79
S24 1VO B . 3.02 0.31 -9.17
C23 1VO B . 4.02 1.65 -8.81
N16 1VO B . 5.06 3.97 -7.58
C15 1VO B . 5.48 4.92 -6.69
C21 1VO B . 6.41 5.96 -6.76
C20 1VO B . 6.63 6.79 -5.66
C28 1VO B . 7.65 7.90 -5.76
C19 1VO B . 5.86 6.58 -4.39
C27 1VO B . 6.07 7.47 -3.19
C18 1VO B . 4.91 5.55 -4.32
C14 1VO B . 4.71 4.71 -5.42
PA NAP C . 2.55 -8.41 -5.73
O1A NAP C . 1.69 -8.63 -4.55
O2A NAP C . 3.18 -7.08 -5.77
O5B NAP C . 3.69 -9.52 -5.76
C5B NAP C . 3.39 -10.84 -6.14
C4B NAP C . 4.62 -11.62 -5.76
O4B NAP C . 4.93 -11.45 -4.38
C3B NAP C . 4.48 -13.12 -5.93
O3B NAP C . 4.57 -13.50 -7.29
C2B NAP C . 5.65 -13.56 -5.07
O2B NAP C . 6.86 -13.27 -5.73
C1B NAP C . 5.58 -12.61 -3.90
N9A NAP C . 4.87 -13.20 -2.75
C8A NAP C . 3.63 -12.86 -2.28
N7A NAP C . 3.35 -13.65 -1.20
C5A NAP C . 4.40 -14.47 -0.99
C6A NAP C . 4.66 -15.46 -0.03
N6A NAP C . 3.75 -15.72 0.90
N1A NAP C . 5.85 -16.16 -0.06
C2A NAP C . 6.80 -15.88 -1.03
N3A NAP C . 6.54 -14.90 -1.97
C4A NAP C . 5.38 -14.21 -1.95
O3 NAP C . 1.74 -8.73 -7.09
PN NAP C . 0.20 -8.61 -7.52
O1N NAP C . -0.63 -9.33 -6.53
O2N NAP C . 0.12 -8.99 -8.94
O5D NAP C . -0.07 -7.03 -7.36
C5D NAP C . 0.57 -6.11 -8.23
C4D NAP C . -0.44 -5.04 -8.67
O4D NAP C . -0.76 -4.23 -7.56
C3D NAP C . 0.15 -4.11 -9.72
O3D NAP C . -0.84 -3.79 -10.67
C2D NAP C . 0.53 -2.87 -8.94
O2D NAP C . 0.47 -1.72 -9.76
C1D NAP C . -0.57 -2.87 -7.88
N1N NAP C . -0.27 -2.12 -6.65
C2N NAP C . -1.18 -1.16 -6.26
C3N NAP C . -0.97 -0.42 -5.11
C7N NAP C . -1.98 0.61 -4.71
O7N NAP C . -1.96 1.09 -3.39
N7N NAP C . -2.88 1.03 -5.59
C4N NAP C . 0.16 -0.67 -4.33
C5N NAP C . 1.08 -1.65 -4.73
C6N NAP C . 0.85 -2.37 -5.89
P2B NAP C . 7.68 -14.38 -6.56
O1X NAP C . 8.96 -13.72 -7.02
O2X NAP C . 7.97 -15.53 -5.64
O3X NAP C . 6.87 -14.83 -7.74
#